data_5ILZ
#
_entry.id   5ILZ
#
_cell.length_a   125.030
_cell.length_b   125.030
_cell.length_c   117.540
_cell.angle_alpha   90.00
_cell.angle_beta   90.00
_cell.angle_gamma   90.00
#
_symmetry.space_group_name_H-M   'P 41 21 2'
#
loop_
_entity.id
_entity.type
_entity.pdbx_description
1 polymer '5-epi-aristolochene synthase'
2 non-polymer 2-[3-(2-HYDROXY-1,1-DIHYDROXYMETHYL-ETHYLAMINO)-PROPYLAMINO]-2-HYDROXYMETHYL-PROPANE-1,3-DIOL
3 water water
#
_entity_poly.entity_id   1
_entity_poly.type   'polypeptide(L)'
_entity_poly.pdbx_seq_one_letter_code
;GSMASAAVANYEEEIVRPVADFSPSLWGDQFLSFSIKNQVAEKYAKEIEALKEQTRNMLLATGMKLADTLNLIDTIERLG
ISYHFEKEIDDILDQIYNQNSNCNDLCTSALQFRLLRQHGFNISPEIFSKFQDENGKFKESLASDVLGLLNLYEASHVRT
HADDILEDALAFSTIHLESAAPHLKSPLREQVTHALEQCLHKGVPRVETRFFISSIYDKEQSKNNVLLRFAKLDFNLLQM
LHKQELAQVSRWWKDLDFVTTLPYARDRVVECYFWALGVYFEPQYSQARVMLVKTISMISIVDDTFDAYGTVKELEAYTD
AIQRWDINEIDRLPDYMKISYKAILDLYKDYEKELSSAGRSHIVCHAIERMKEVVRNYNVESTWFIEGYTPPVSEYLSNA
LATTTYYYLATTSYLGMKSATEQDFEWLSKNPKILEASVIICRVIDDTATYEVEKSRGQIATGIECCMRDYGISTKEAMA
KFQNMAETAWKDINEGLLRPTPVSTEFLTPILNLARIVEVTYIHNLDGYTHPEKVLKPHIINLLVDSIKI
;
_entity_poly.pdbx_strand_id   A
#
# COMPACT_ATOMS: atom_id res chain seq x y z
N ILE A 15 11.11 16.93 34.67
CA ILE A 15 11.34 16.35 33.34
C ILE A 15 11.22 17.41 32.25
N VAL A 16 12.29 17.54 31.45
CA VAL A 16 12.28 18.46 30.32
C VAL A 16 12.22 17.69 29.01
N ARG A 17 11.00 17.41 28.55
CA ARG A 17 10.79 16.65 27.33
C ARG A 17 11.38 17.37 26.11
N PRO A 18 11.67 16.63 25.03
CA PRO A 18 12.12 17.22 23.77
C PRO A 18 11.14 18.24 23.20
N VAL A 19 11.65 19.20 22.44
CA VAL A 19 10.83 20.26 21.84
C VAL A 19 10.04 19.74 20.64
N ALA A 20 8.78 20.18 20.53
CA ALA A 20 7.88 19.73 19.46
C ALA A 20 8.31 20.28 18.10
N ASP A 21 8.68 19.37 17.19
CA ASP A 21 9.24 19.76 15.90
C ASP A 21 8.37 19.31 14.72
N PHE A 22 7.18 18.80 15.00
CA PHE A 22 6.30 18.32 13.94
C PHE A 22 5.48 19.47 13.34
N SER A 23 5.40 19.49 12.02
CA SER A 23 4.53 20.44 11.34
C SER A 23 3.06 20.11 11.62
N PRO A 24 2.22 21.13 11.83
CA PRO A 24 0.79 20.93 12.10
C PRO A 24 0.10 20.27 10.91
N SER A 25 -1.16 19.85 11.10
CA SER A 25 -1.96 19.37 9.98
C SER A 25 -2.07 20.48 8.95
N LEU A 26 -1.92 20.14 7.67
CA LEU A 26 -2.00 21.18 6.66
C LEU A 26 -3.42 21.33 6.16
N TRP A 27 -4.35 20.60 6.77
CA TRP A 27 -5.72 20.51 6.23
C TRP A 27 -6.78 21.29 7.01
N GLY A 28 -6.46 21.72 8.22
CA GLY A 28 -7.44 22.41 9.06
C GLY A 28 -8.69 21.56 9.25
N ASP A 29 -9.86 22.12 8.97
CA ASP A 29 -11.11 21.39 9.13
C ASP A 29 -11.87 21.17 7.81
N GLN A 30 -11.15 21.26 6.68
CA GLN A 30 -11.81 21.15 5.38
C GLN A 30 -12.45 19.77 5.13
N PHE A 31 -12.06 18.77 5.91
CA PHE A 31 -12.62 17.44 5.74
C PHE A 31 -13.63 17.12 6.83
N LEU A 32 -13.77 18.03 7.78
CA LEU A 32 -14.54 17.74 8.99
C LEU A 32 -16.02 17.48 8.69
N SER A 33 -16.59 18.32 7.84
CA SER A 33 -17.98 18.19 7.48
C SER A 33 -18.11 17.96 5.99
N PHE A 34 -18.85 16.92 5.62
CA PHE A 34 -19.17 16.73 4.23
C PHE A 34 -20.60 16.22 4.10
N SER A 35 -21.42 16.96 3.37
CA SER A 35 -22.77 16.54 3.10
C SER A 35 -22.89 16.12 1.64
N ILE A 36 -23.10 14.82 1.43
CA ILE A 36 -23.24 14.25 0.10
C ILE A 36 -24.46 14.84 -0.61
N LYS A 37 -24.30 15.12 -1.90
CA LYS A 37 -25.42 15.56 -2.72
C LYS A 37 -26.16 14.33 -3.23
N ASN A 38 -27.25 13.99 -2.55
CA ASN A 38 -27.95 12.74 -2.80
C ASN A 38 -28.49 12.64 -4.23
N GLN A 39 -28.90 13.76 -4.81
CA GLN A 39 -29.41 13.74 -6.17
C GLN A 39 -28.28 13.49 -7.17
N VAL A 40 -27.11 14.04 -6.90
CA VAL A 40 -25.96 13.78 -7.75
C VAL A 40 -25.54 12.33 -7.61
N ALA A 41 -25.50 11.83 -6.38
CA ALA A 41 -25.06 10.46 -6.14
C ALA A 41 -26.01 9.46 -6.79
N GLU A 42 -27.31 9.65 -6.60
CA GLU A 42 -28.31 8.76 -7.20
C GLU A 42 -28.25 8.82 -8.72
N LYS A 43 -28.04 10.02 -9.26
CA LYS A 43 -27.92 10.20 -10.69
C LYS A 43 -26.73 9.40 -11.21
N TYR A 44 -25.60 9.51 -10.51
CA TYR A 44 -24.40 8.78 -10.89
C TYR A 44 -24.63 7.28 -10.84
N ALA A 45 -25.19 6.82 -9.72
CA ALA A 45 -25.42 5.39 -9.51
C ALA A 45 -26.32 4.81 -10.59
N LYS A 46 -27.38 5.54 -10.93
CA LYS A 46 -28.26 5.11 -12.00
C LYS A 46 -27.52 4.97 -13.33
N GLU A 47 -26.77 6.00 -13.73
CA GLU A 47 -26.05 5.90 -15.00
C GLU A 47 -24.99 4.82 -14.95
N ILE A 48 -24.32 4.71 -13.80
CA ILE A 48 -23.29 3.69 -13.65
C ILE A 48 -23.85 2.29 -13.87
N GLU A 49 -25.09 2.07 -13.44
CA GLU A 49 -25.75 0.79 -13.61
C GLU A 49 -25.86 0.38 -15.06
N ALA A 50 -26.28 1.32 -15.90
CA ALA A 50 -26.35 1.07 -17.33
C ALA A 50 -24.96 0.86 -17.94
N LEU A 51 -24.01 1.71 -17.59
CA LEU A 51 -22.64 1.60 -18.08
C LEU A 51 -21.95 0.32 -17.61
N LYS A 52 -22.28 -0.12 -16.39
CA LYS A 52 -21.71 -1.35 -15.86
C LYS A 52 -22.20 -2.56 -16.66
N GLU A 53 -23.47 -2.56 -17.04
CA GLU A 53 -23.99 -3.65 -17.87
C GLU A 53 -23.38 -3.65 -19.27
N GLN A 54 -23.28 -2.46 -19.88
CA GLN A 54 -22.60 -2.32 -21.17
C GLN A 54 -21.18 -2.85 -21.13
N THR A 55 -20.47 -2.56 -20.05
CA THR A 55 -19.09 -2.97 -19.89
C THR A 55 -19.02 -4.48 -19.69
N ARG A 56 -19.97 -5.00 -18.91
CA ARG A 56 -20.04 -6.44 -18.69
C ARG A 56 -20.18 -7.15 -20.04
N ASN A 57 -21.04 -6.61 -20.90
CA ASN A 57 -21.27 -7.21 -22.21
C ASN A 57 -20.05 -7.10 -23.11
N MET A 58 -19.28 -6.03 -22.94
CA MET A 58 -18.01 -5.88 -23.67
C MET A 58 -17.06 -7.01 -23.31
N LEU A 59 -17.02 -7.36 -22.03
CA LEU A 59 -16.12 -8.39 -21.56
C LEU A 59 -16.60 -9.79 -21.97
N LEU A 60 -17.91 -9.97 -22.02
CA LEU A 60 -18.50 -11.28 -22.36
C LEU A 60 -18.59 -11.52 -23.87
N ALA A 61 -18.19 -10.53 -24.66
CA ALA A 61 -18.30 -10.62 -26.11
C ALA A 61 -17.47 -11.78 -26.68
N THR A 62 -17.97 -12.39 -27.75
CA THR A 62 -17.30 -13.53 -28.36
C THR A 62 -16.45 -13.10 -29.55
N GLY A 63 -15.46 -13.92 -29.90
CA GLY A 63 -14.66 -13.69 -31.08
C GLY A 63 -13.68 -12.54 -30.99
N MET A 64 -13.31 -12.12 -29.78
CA MET A 64 -12.32 -11.06 -29.63
C MET A 64 -10.91 -11.60 -29.79
N LYS A 65 -10.07 -10.85 -30.47
CA LYS A 65 -8.65 -11.20 -30.55
C LYS A 65 -8.02 -11.06 -29.18
N LEU A 66 -7.04 -11.90 -28.90
CA LEU A 66 -6.36 -11.94 -27.62
C LEU A 66 -5.84 -10.57 -27.20
N ALA A 67 -5.18 -9.87 -28.12
CA ALA A 67 -4.64 -8.54 -27.84
C ALA A 67 -5.74 -7.59 -27.40
N ASP A 68 -6.89 -7.63 -28.07
CA ASP A 68 -8.00 -6.73 -27.73
C ASP A 68 -8.60 -7.07 -26.37
N THR A 69 -8.62 -8.36 -26.06
CA THR A 69 -9.17 -8.83 -24.80
C THR A 69 -8.29 -8.36 -23.66
N LEU A 70 -7.00 -8.58 -23.79
CA LEU A 70 -6.06 -8.14 -22.76
C LEU A 70 -6.06 -6.62 -22.59
N ASN A 71 -6.18 -5.87 -23.69
CA ASN A 71 -6.24 -4.42 -23.59
C ASN A 71 -7.51 -3.96 -22.90
N LEU A 72 -8.61 -4.64 -23.20
CA LEU A 72 -9.88 -4.32 -22.55
C LEU A 72 -9.75 -4.54 -21.05
N ILE A 73 -9.16 -5.67 -20.66
CA ILE A 73 -9.04 -5.97 -19.24
C ILE A 73 -8.12 -4.99 -18.55
N ASP A 74 -6.95 -4.74 -19.16
CA ASP A 74 -5.97 -3.77 -18.63
C ASP A 74 -6.59 -2.38 -18.45
N THR A 75 -7.29 -1.91 -19.48
CA THR A 75 -7.95 -0.61 -19.42
C THR A 75 -8.95 -0.53 -18.27
N ILE A 76 -9.82 -1.53 -18.18
CA ILE A 76 -10.84 -1.60 -17.13
C ILE A 76 -10.19 -1.64 -15.74
N GLU A 77 -9.11 -2.42 -15.62
CA GLU A 77 -8.36 -2.41 -14.36
C GLU A 77 -7.75 -1.05 -14.07
N ARG A 78 -7.07 -0.46 -15.05
CA ARG A 78 -6.39 0.80 -14.81
C ARG A 78 -7.36 1.96 -14.55
N LEU A 79 -8.57 1.83 -15.07
CA LEU A 79 -9.63 2.81 -14.90
C LEU A 79 -10.28 2.72 -13.53
N GLY A 80 -9.87 1.70 -12.76
CA GLY A 80 -10.33 1.52 -11.39
C GLY A 80 -11.74 0.95 -11.28
N ILE A 81 -12.25 0.35 -12.35
CA ILE A 81 -13.60 -0.20 -12.31
C ILE A 81 -13.60 -1.71 -12.42
N SER A 82 -12.43 -2.35 -12.37
CA SER A 82 -12.41 -3.82 -12.44
C SER A 82 -13.07 -4.51 -11.24
N TYR A 83 -13.23 -3.80 -10.12
CA TYR A 83 -13.78 -4.44 -8.93
C TYR A 83 -15.25 -4.80 -9.15
N HIS A 84 -15.86 -4.22 -10.18
CA HIS A 84 -17.22 -4.61 -10.61
C HIS A 84 -17.24 -5.92 -11.38
N PHE A 85 -16.09 -6.38 -11.85
CA PHE A 85 -16.03 -7.48 -12.80
C PHE A 85 -15.05 -8.58 -12.43
N GLU A 86 -14.94 -8.89 -11.16
CA GLU A 86 -13.97 -9.88 -10.69
C GLU A 86 -14.19 -11.22 -11.37
N LYS A 87 -15.43 -11.71 -11.32
CA LYS A 87 -15.77 -12.99 -11.93
C LYS A 87 -15.46 -12.98 -13.42
N GLU A 88 -16.03 -12.03 -14.17
CA GLU A 88 -15.83 -11.99 -15.62
C GLU A 88 -14.34 -11.93 -16.01
N ILE A 89 -13.59 -11.02 -15.40
CA ILE A 89 -12.15 -10.91 -15.70
C ILE A 89 -11.42 -12.20 -15.36
N ASP A 90 -11.72 -12.75 -14.19
CA ASP A 90 -11.11 -14.01 -13.79
C ASP A 90 -11.46 -15.16 -14.75
N ASP A 91 -12.70 -15.20 -15.24
CA ASP A 91 -13.08 -16.29 -16.15
C ASP A 91 -12.32 -16.15 -17.46
N ILE A 92 -12.19 -14.91 -17.93
CA ILE A 92 -11.48 -14.64 -19.17
C ILE A 92 -9.99 -14.98 -19.04
N LEU A 93 -9.38 -14.58 -17.93
CA LEU A 93 -7.95 -14.78 -17.78
C LEU A 93 -7.65 -16.27 -17.63
N ASP A 94 -8.53 -16.96 -16.92
CA ASP A 94 -8.45 -18.42 -16.79
C ASP A 94 -8.45 -19.10 -18.14
N GLN A 95 -9.30 -18.63 -19.05
CA GLN A 95 -9.36 -19.21 -20.40
C GLN A 95 -8.07 -18.95 -21.17
N ILE A 96 -7.57 -17.72 -21.08
CA ILE A 96 -6.31 -17.32 -21.71
C ILE A 96 -5.13 -18.12 -21.14
N TYR A 97 -5.10 -18.25 -19.82
CA TYR A 97 -4.08 -19.04 -19.16
C TYR A 97 -4.11 -20.50 -19.68
N ASN A 98 -5.31 -21.05 -19.82
CA ASN A 98 -5.49 -22.43 -20.29
C ASN A 98 -5.17 -22.68 -21.74
N GLN A 99 -5.46 -21.71 -22.60
CA GLN A 99 -5.21 -21.91 -24.02
C GLN A 99 -3.73 -21.69 -24.31
N ASN A 100 -3.08 -20.95 -23.43
CA ASN A 100 -1.62 -20.78 -23.43
C ASN A 100 -1.03 -20.54 -24.83
N SER A 101 -1.66 -19.67 -25.60
CA SER A 101 -1.16 -19.34 -26.93
C SER A 101 0.14 -18.55 -26.79
N ASN A 102 1.11 -18.88 -27.62
CA ASN A 102 2.45 -18.30 -27.52
C ASN A 102 2.89 -17.70 -28.85
N CYS A 103 1.99 -16.97 -29.50
CA CYS A 103 2.22 -16.53 -30.87
C CYS A 103 1.93 -15.04 -31.06
N ASN A 104 2.43 -14.21 -30.15
CA ASN A 104 2.14 -12.78 -30.22
C ASN A 104 3.39 -11.91 -30.18
N ASP A 105 3.19 -10.60 -30.33
CA ASP A 105 4.28 -9.65 -30.25
C ASP A 105 4.65 -9.39 -28.78
N LEU A 106 5.69 -8.57 -28.58
CA LEU A 106 6.18 -8.27 -27.24
C LEU A 106 5.14 -7.57 -26.38
N CYS A 107 4.50 -6.57 -26.98
CA CYS A 107 3.46 -5.80 -26.30
C CYS A 107 2.39 -6.72 -25.68
N THR A 108 1.77 -7.54 -26.51
CA THR A 108 0.73 -8.45 -26.05
C THR A 108 1.28 -9.50 -25.09
N SER A 109 2.46 -10.03 -25.40
CA SER A 109 3.04 -11.07 -24.55
C SER A 109 3.35 -10.53 -23.16
N ALA A 110 3.92 -9.34 -23.10
CA ALA A 110 4.28 -8.75 -21.82
C ALA A 110 3.02 -8.43 -21.02
N LEU A 111 1.96 -8.01 -21.71
CA LEU A 111 0.70 -7.68 -21.02
C LEU A 111 0.00 -8.96 -20.57
N GLN A 112 -0.02 -9.97 -21.42
CA GLN A 112 -0.54 -11.28 -21.06
C GLN A 112 0.15 -11.79 -19.81
N PHE A 113 1.48 -11.70 -19.80
CA PHE A 113 2.28 -12.17 -18.68
C PHE A 113 1.93 -11.42 -17.40
N ARG A 114 1.86 -10.09 -17.47
CA ARG A 114 1.58 -9.30 -16.27
C ARG A 114 0.18 -9.55 -15.69
N LEU A 115 -0.85 -9.47 -16.52
CA LEU A 115 -2.21 -9.65 -16.02
C LEU A 115 -2.39 -11.03 -15.38
N LEU A 116 -1.89 -12.06 -16.03
CA LEU A 116 -2.02 -13.41 -15.47
C LEU A 116 -1.29 -13.52 -14.15
N ARG A 117 -0.05 -13.03 -14.09
CA ARG A 117 0.72 -13.10 -12.86
C ARG A 117 0.06 -12.31 -11.73
N GLN A 118 -0.49 -11.16 -12.08
CA GLN A 118 -1.06 -10.28 -11.07
C GLN A 118 -2.30 -10.91 -10.48
N HIS A 119 -2.92 -11.79 -11.28
CA HIS A 119 -4.11 -12.54 -10.88
C HIS A 119 -3.80 -13.93 -10.37
N GLY A 120 -2.52 -14.21 -10.19
CA GLY A 120 -2.18 -15.44 -9.48
C GLY A 120 -1.94 -16.60 -10.42
N PHE A 121 -2.10 -16.39 -11.72
CA PHE A 121 -1.85 -17.46 -12.69
C PHE A 121 -0.36 -17.55 -12.98
N ASN A 122 0.26 -18.69 -12.67
CA ASN A 122 1.71 -18.78 -12.79
C ASN A 122 2.12 -19.11 -14.21
N ILE A 123 1.83 -18.20 -15.13
CA ILE A 123 2.24 -18.37 -16.51
C ILE A 123 3.77 -18.40 -16.60
N SER A 124 4.30 -19.33 -17.38
CA SER A 124 5.74 -19.45 -17.52
C SER A 124 6.36 -18.23 -18.20
N PRO A 125 7.55 -17.84 -17.75
CA PRO A 125 8.24 -16.70 -18.35
C PRO A 125 8.90 -17.10 -19.66
N GLU A 126 8.74 -18.36 -20.05
CA GLU A 126 9.25 -18.83 -21.33
C GLU A 126 8.59 -18.10 -22.48
N ILE A 127 7.44 -17.50 -22.24
CA ILE A 127 6.78 -16.67 -23.24
C ILE A 127 7.73 -15.58 -23.80
N PHE A 128 8.72 -15.18 -23.01
CA PHE A 128 9.62 -14.10 -23.44
C PHE A 128 10.81 -14.59 -24.25
N SER A 129 11.00 -15.91 -24.32
CA SER A 129 12.16 -16.49 -24.98
C SER A 129 12.32 -16.05 -26.43
N LYS A 130 11.20 -15.96 -27.15
CA LYS A 130 11.22 -15.60 -28.56
C LYS A 130 11.68 -14.16 -28.76
N PHE A 131 11.70 -13.36 -27.69
CA PHE A 131 12.15 -11.98 -27.78
C PHE A 131 13.59 -11.84 -27.32
N GLN A 132 14.27 -12.97 -27.15
CA GLN A 132 15.65 -12.95 -26.69
C GLN A 132 16.56 -13.76 -27.60
N ASP A 133 17.86 -13.58 -27.42
CA ASP A 133 18.84 -14.40 -28.13
C ASP A 133 19.38 -15.49 -27.22
N GLU A 134 20.45 -16.15 -27.67
CA GLU A 134 20.97 -17.34 -26.99
C GLU A 134 21.52 -17.08 -25.59
N ASN A 135 21.79 -15.82 -25.26
CA ASN A 135 22.31 -15.48 -23.95
C ASN A 135 21.23 -15.04 -22.97
N GLY A 136 19.99 -14.97 -23.45
CA GLY A 136 18.89 -14.51 -22.61
C GLY A 136 18.81 -13.00 -22.58
N LYS A 137 19.44 -12.36 -23.57
CA LYS A 137 19.41 -10.92 -23.67
C LYS A 137 18.32 -10.51 -24.66
N PHE A 138 17.49 -9.55 -24.25
CA PHE A 138 16.41 -9.11 -25.13
C PHE A 138 16.99 -8.61 -26.44
N LYS A 139 16.33 -8.98 -27.53
CA LYS A 139 16.78 -8.54 -28.85
C LYS A 139 16.76 -7.03 -28.88
N GLU A 140 17.94 -6.44 -28.96
CA GLU A 140 18.06 -5.00 -28.93
C GLU A 140 17.36 -4.39 -30.14
N SER A 141 16.96 -5.23 -31.09
CA SER A 141 16.09 -4.79 -32.17
C SER A 141 14.65 -4.49 -31.74
N LEU A 142 14.30 -4.85 -30.50
CA LEU A 142 13.02 -4.44 -29.90
C LEU A 142 13.09 -3.04 -29.32
N ALA A 143 14.28 -2.45 -29.35
CA ALA A 143 14.52 -1.20 -28.63
C ALA A 143 13.74 -0.04 -29.22
N SER A 144 13.14 -0.24 -30.39
CA SER A 144 12.39 0.84 -31.04
C SER A 144 10.88 0.56 -31.00
N ASP A 145 10.50 -0.42 -30.20
CA ASP A 145 9.08 -0.75 -30.04
C ASP A 145 8.61 -0.23 -28.70
N VAL A 146 8.15 1.02 -28.67
CA VAL A 146 7.84 1.67 -27.40
C VAL A 146 6.71 0.98 -26.65
N LEU A 147 5.65 0.54 -27.35
CA LEU A 147 4.53 -0.09 -26.64
C LEU A 147 4.95 -1.43 -26.04
N GLY A 148 5.68 -2.22 -26.81
CA GLY A 148 6.27 -3.44 -26.30
C GLY A 148 7.13 -3.18 -25.07
N LEU A 149 7.99 -2.16 -25.15
CA LEU A 149 8.88 -1.83 -24.05
C LEU A 149 8.10 -1.39 -22.83
N LEU A 150 7.07 -0.57 -23.04
CA LEU A 150 6.29 -0.09 -21.91
C LEU A 150 5.61 -1.28 -21.22
N ASN A 151 5.07 -2.20 -22.00
CA ASN A 151 4.44 -3.35 -21.38
C ASN A 151 5.47 -4.30 -20.75
N LEU A 152 6.62 -4.44 -21.39
CA LEU A 152 7.70 -5.24 -20.83
C LEU A 152 8.18 -4.62 -19.52
N TYR A 153 8.32 -3.30 -19.52
CA TYR A 153 8.68 -2.57 -18.31
C TYR A 153 7.72 -2.84 -17.16
N GLU A 154 6.43 -2.71 -17.42
CA GLU A 154 5.45 -2.93 -16.36
C GLU A 154 5.51 -4.39 -15.88
N ALA A 155 5.67 -5.32 -16.82
CA ALA A 155 5.72 -6.75 -16.49
C ALA A 155 6.94 -7.13 -15.66
N SER A 156 8.03 -6.41 -15.87
CA SER A 156 9.30 -6.71 -15.19
C SER A 156 9.16 -6.62 -13.67
N HIS A 157 8.18 -5.86 -13.21
CA HIS A 157 7.98 -5.67 -11.78
C HIS A 157 7.17 -6.74 -11.08
N VAL A 158 6.63 -7.71 -11.83
CA VAL A 158 5.89 -8.80 -11.18
C VAL A 158 6.72 -10.07 -11.13
N ARG A 159 8.03 -9.96 -11.35
CA ARG A 159 8.77 -11.22 -11.37
C ARG A 159 8.88 -11.85 -10.00
N THR A 160 9.11 -13.15 -10.04
CA THR A 160 9.33 -13.99 -8.87
C THR A 160 10.79 -14.41 -8.93
N HIS A 161 11.15 -15.37 -8.10
CA HIS A 161 12.49 -15.92 -8.08
C HIS A 161 12.70 -16.89 -9.23
N ALA A 162 11.62 -17.34 -9.86
CA ALA A 162 11.72 -18.27 -10.99
C ALA A 162 11.88 -17.54 -12.35
N ASP A 163 11.89 -16.21 -12.32
CA ASP A 163 11.83 -15.45 -13.58
C ASP A 163 13.16 -14.81 -13.96
N ASP A 164 14.25 -15.57 -13.86
CA ASP A 164 15.55 -14.98 -14.18
C ASP A 164 15.67 -14.69 -15.67
N ILE A 165 14.78 -15.27 -16.47
CA ILE A 165 14.70 -14.93 -17.89
C ILE A 165 14.41 -13.44 -18.06
N LEU A 166 13.83 -12.82 -17.03
CA LEU A 166 13.47 -11.39 -17.06
C LEU A 166 14.47 -10.53 -16.29
N GLU A 167 15.62 -11.11 -15.95
CA GLU A 167 16.64 -10.43 -15.15
C GLU A 167 17.05 -9.09 -15.76
N ASP A 168 17.00 -9.02 -17.09
CA ASP A 168 17.49 -7.87 -17.83
C ASP A 168 16.33 -6.97 -18.30
N ALA A 169 15.10 -7.40 -18.06
CA ALA A 169 13.93 -6.72 -18.61
C ALA A 169 13.78 -5.28 -18.11
N LEU A 170 13.95 -5.07 -16.82
CA LEU A 170 13.76 -3.75 -16.26
C LEU A 170 14.80 -2.78 -16.84
N ALA A 171 16.08 -3.16 -16.84
CA ALA A 171 17.12 -2.29 -17.37
C ALA A 171 16.99 -2.05 -18.88
N PHE A 172 16.69 -3.11 -19.62
CA PHE A 172 16.51 -3.01 -21.07
C PHE A 172 15.37 -2.05 -21.42
N SER A 173 14.21 -2.25 -20.82
CA SER A 173 13.05 -1.43 -21.15
C SER A 173 13.23 -0.02 -20.62
N THR A 174 13.83 0.12 -19.44
CA THR A 174 14.03 1.46 -18.87
C THR A 174 14.96 2.32 -19.75
N ILE A 175 16.09 1.77 -20.17
CA ILE A 175 17.03 2.61 -20.89
C ILE A 175 16.42 3.07 -22.23
N HIS A 176 15.66 2.20 -22.89
CA HIS A 176 15.14 2.56 -24.20
C HIS A 176 13.86 3.39 -24.12
N LEU A 177 13.10 3.24 -23.05
CA LEU A 177 11.95 4.11 -22.84
C LEU A 177 12.40 5.53 -22.48
N GLU A 178 13.43 5.63 -21.65
CA GLU A 178 14.02 6.93 -21.29
C GLU A 178 14.47 7.65 -22.55
N SER A 179 15.12 6.90 -23.43
CA SER A 179 15.61 7.46 -24.68
C SER A 179 14.49 7.90 -25.61
N ALA A 180 13.41 7.13 -25.68
CA ALA A 180 12.33 7.45 -26.62
C ALA A 180 11.42 8.54 -26.09
N ALA A 181 11.26 8.60 -24.78
CA ALA A 181 10.22 9.42 -24.15
C ALA A 181 10.10 10.88 -24.63
N PRO A 182 11.21 11.64 -24.72
CA PRO A 182 11.02 13.07 -25.04
C PRO A 182 10.37 13.34 -26.40
N HIS A 183 10.37 12.36 -27.31
CA HIS A 183 9.86 12.62 -28.65
C HIS A 183 8.53 11.91 -28.94
N LEU A 184 7.97 11.28 -27.91
CA LEU A 184 6.70 10.59 -28.05
C LEU A 184 5.55 11.59 -28.05
N LYS A 185 4.50 11.26 -28.80
CA LYS A 185 3.25 12.04 -28.77
C LYS A 185 2.56 11.84 -27.43
N SER A 186 1.57 12.69 -27.15
CA SER A 186 0.77 12.60 -25.93
C SER A 186 -0.54 11.89 -26.25
N PRO A 187 -1.11 11.17 -25.26
CA PRO A 187 -0.58 11.10 -23.89
C PRO A 187 0.45 10.00 -23.68
N LEU A 188 0.89 9.32 -24.73
CA LEU A 188 1.83 8.19 -24.53
C LEU A 188 3.09 8.66 -23.80
N ARG A 189 3.61 9.83 -24.16
CA ARG A 189 4.81 10.36 -23.49
C ARG A 189 4.59 10.49 -22.00
N GLU A 190 3.44 11.01 -21.62
CA GLU A 190 3.12 11.16 -20.21
C GLU A 190 2.94 9.80 -19.52
N GLN A 191 2.37 8.82 -20.22
CA GLN A 191 2.19 7.50 -19.62
C GLN A 191 3.56 6.86 -19.39
N VAL A 192 4.44 7.02 -20.36
CA VAL A 192 5.78 6.43 -20.25
C VAL A 192 6.59 7.11 -19.15
N THR A 193 6.57 8.44 -19.13
CA THR A 193 7.34 9.21 -18.16
C THR A 193 6.84 8.88 -16.75
N HIS A 194 5.53 8.73 -16.63
CA HIS A 194 4.93 8.38 -15.36
C HIS A 194 5.31 6.95 -14.92
N ALA A 195 5.32 6.01 -15.86
CA ALA A 195 5.68 4.64 -15.56
C ALA A 195 7.12 4.54 -15.06
N LEU A 196 8.01 5.31 -15.67
CA LEU A 196 9.42 5.33 -15.26
C LEU A 196 9.61 5.84 -13.83
N GLU A 197 8.76 6.78 -13.42
CA GLU A 197 8.68 7.24 -12.04
C GLU A 197 7.95 6.28 -11.10
N GLN A 198 6.88 5.67 -11.60
CA GLN A 198 6.02 4.82 -10.77
C GLN A 198 5.44 3.68 -11.58
N CYS A 199 5.97 2.47 -11.39
CA CYS A 199 5.41 1.36 -12.14
C CYS A 199 4.01 1.09 -11.63
N LEU A 200 3.19 0.50 -12.49
CA LEU A 200 1.80 0.23 -12.15
C LEU A 200 1.70 -0.78 -11.01
N HIS A 201 2.46 -1.87 -11.05
CA HIS A 201 2.27 -2.95 -10.08
C HIS A 201 2.61 -2.52 -8.64
N LYS A 202 3.51 -1.57 -8.49
CA LYS A 202 3.89 -1.16 -7.13
C LYS A 202 3.23 0.14 -6.69
N GLY A 203 2.29 0.64 -7.48
CA GLY A 203 1.65 1.90 -7.14
C GLY A 203 0.41 1.69 -6.32
N VAL A 204 -0.04 2.73 -5.65
CA VAL A 204 -1.29 2.69 -4.92
C VAL A 204 -2.44 2.73 -5.94
N PRO A 205 -3.35 1.75 -5.89
CA PRO A 205 -4.36 1.60 -6.94
C PRO A 205 -5.17 2.89 -7.21
N ARG A 206 -5.71 3.56 -6.20
CA ARG A 206 -6.51 4.76 -6.50
C ARG A 206 -5.69 5.88 -7.09
N VAL A 207 -4.43 5.98 -6.68
CA VAL A 207 -3.53 7.00 -7.18
C VAL A 207 -3.24 6.76 -8.66
N GLU A 208 -2.91 5.52 -9.01
CA GLU A 208 -2.66 5.21 -10.41
C GLU A 208 -3.94 5.33 -11.25
N THR A 209 -5.07 4.96 -10.67
CA THR A 209 -6.34 5.10 -11.37
C THR A 209 -6.66 6.57 -11.67
N ARG A 210 -6.52 7.42 -10.65
CA ARG A 210 -6.78 8.83 -10.82
C ARG A 210 -5.90 9.40 -11.94
N PHE A 211 -4.63 9.03 -11.95
CA PHE A 211 -3.72 9.48 -12.98
C PHE A 211 -4.15 8.93 -14.33
N PHE A 212 -4.40 7.64 -14.41
CA PHE A 212 -4.74 7.04 -15.70
C PHE A 212 -6.02 7.63 -16.28
N ILE A 213 -7.05 7.75 -15.47
CA ILE A 213 -8.29 8.36 -15.97
C ILE A 213 -8.06 9.77 -16.53
N SER A 214 -7.48 10.63 -15.70
CA SER A 214 -7.41 12.05 -16.01
C SER A 214 -6.31 12.45 -16.99
N SER A 215 -5.11 11.90 -16.83
CA SER A 215 -3.97 12.37 -17.60
C SER A 215 -3.75 11.53 -18.84
N ILE A 216 -4.27 10.30 -18.85
CA ILE A 216 -4.00 9.41 -19.98
C ILE A 216 -5.22 9.06 -20.81
N TYR A 217 -6.12 8.26 -20.24
CA TYR A 217 -7.25 7.73 -21.01
C TYR A 217 -8.16 8.86 -21.49
N ASP A 218 -8.35 9.88 -20.66
CA ASP A 218 -9.12 11.05 -21.09
C ASP A 218 -8.55 11.73 -22.34
N LYS A 219 -7.26 11.50 -22.60
CA LYS A 219 -6.57 12.18 -23.69
C LYS A 219 -6.25 11.23 -24.83
N GLU A 220 -6.62 9.97 -24.70
CA GLU A 220 -6.38 8.99 -25.76
C GLU A 220 -7.34 9.23 -26.92
N GLN A 221 -6.81 9.28 -28.12
CA GLN A 221 -7.61 9.47 -29.32
C GLN A 221 -8.62 8.35 -29.50
N SER A 222 -8.21 7.12 -29.19
CA SER A 222 -9.04 5.94 -29.41
C SER A 222 -9.76 5.45 -28.14
N LYS A 223 -9.87 6.31 -27.14
CA LYS A 223 -10.51 5.94 -25.89
C LYS A 223 -11.92 5.38 -26.11
N ASN A 224 -12.31 4.41 -25.31
CA ASN A 224 -13.69 3.95 -25.34
C ASN A 224 -14.51 4.89 -24.46
N ASN A 225 -15.53 5.51 -25.02
CA ASN A 225 -16.20 6.59 -24.31
C ASN A 225 -17.05 6.07 -23.17
N VAL A 226 -17.65 4.89 -23.36
CA VAL A 226 -18.45 4.23 -22.33
C VAL A 226 -17.56 3.91 -21.12
N LEU A 227 -16.39 3.32 -21.39
CA LEU A 227 -15.45 3.03 -20.32
C LEU A 227 -14.99 4.30 -19.58
N LEU A 228 -14.61 5.34 -20.33
CA LEU A 228 -14.12 6.56 -19.70
C LEU A 228 -15.18 7.20 -18.80
N ARG A 229 -16.40 7.29 -19.33
CA ARG A 229 -17.53 7.87 -18.61
C ARG A 229 -17.83 7.09 -17.33
N PHE A 230 -17.87 5.77 -17.47
CA PHE A 230 -18.01 4.85 -16.35
C PHE A 230 -16.90 5.12 -15.32
N ALA A 231 -15.64 5.13 -15.75
CA ALA A 231 -14.52 5.34 -14.82
C ALA A 231 -14.63 6.68 -14.04
N LYS A 232 -15.00 7.76 -14.72
CA LYS A 232 -15.12 9.05 -14.06
C LYS A 232 -16.27 9.10 -13.05
N LEU A 233 -17.45 8.67 -13.47
CA LEU A 233 -18.61 8.61 -12.58
C LEU A 233 -18.32 7.71 -11.39
N ASP A 234 -17.72 6.55 -11.63
CA ASP A 234 -17.47 5.60 -10.56
C ASP A 234 -16.44 6.17 -9.58
N PHE A 235 -15.37 6.76 -10.09
CA PHE A 235 -14.37 7.35 -9.25
C PHE A 235 -14.98 8.43 -8.35
N ASN A 236 -15.78 9.31 -8.96
CA ASN A 236 -16.35 10.42 -8.22
C ASN A 236 -17.40 9.98 -7.22
N LEU A 237 -18.12 8.90 -7.54
CA LEU A 237 -19.14 8.37 -6.63
C LEU A 237 -18.47 7.71 -5.41
N LEU A 238 -17.44 6.91 -5.64
CA LEU A 238 -16.67 6.37 -4.53
C LEU A 238 -16.00 7.47 -3.70
N GLN A 239 -15.50 8.50 -4.38
CA GLN A 239 -14.85 9.62 -3.67
C GLN A 239 -15.83 10.23 -2.64
N MET A 240 -17.13 10.24 -2.98
CA MET A 240 -18.13 10.73 -2.04
C MET A 240 -18.18 9.91 -0.76
N LEU A 241 -18.16 8.60 -0.91
CA LEU A 241 -18.13 7.70 0.23
C LEU A 241 -16.87 7.93 1.04
N HIS A 242 -15.73 8.02 0.36
CA HIS A 242 -14.46 8.28 1.02
C HIS A 242 -14.49 9.58 1.82
N LYS A 243 -15.04 10.63 1.23
CA LYS A 243 -15.14 11.89 1.95
C LYS A 243 -16.07 11.79 3.16
N GLN A 244 -17.11 10.95 3.05
CA GLN A 244 -18.00 10.68 4.18
C GLN A 244 -17.25 9.98 5.30
N GLU A 245 -16.48 8.96 4.92
CA GLU A 245 -15.70 8.22 5.91
C GLU A 245 -14.69 9.13 6.58
N LEU A 246 -14.06 9.97 5.77
CA LEU A 246 -13.04 10.87 6.28
C LEU A 246 -13.64 11.93 7.21
N ALA A 247 -14.82 12.44 6.89
CA ALA A 247 -15.54 13.36 7.77
C ALA A 247 -15.81 12.70 9.12
N GLN A 248 -16.25 11.45 9.07
CA GLN A 248 -16.57 10.69 10.26
C GLN A 248 -15.34 10.49 11.14
N VAL A 249 -14.27 10.01 10.54
CA VAL A 249 -13.00 9.83 11.25
C VAL A 249 -12.41 11.16 11.73
N SER A 250 -12.59 12.22 10.94
CA SER A 250 -12.17 13.55 11.36
C SER A 250 -12.91 14.00 12.61
N ARG A 251 -14.19 13.68 12.69
CA ARG A 251 -15.00 14.08 13.84
C ARG A 251 -14.59 13.25 15.06
N TRP A 252 -14.30 11.98 14.83
CA TRP A 252 -13.80 11.10 15.86
C TRP A 252 -12.48 11.60 16.45
N TRP A 253 -11.58 12.02 15.57
CA TRP A 253 -10.26 12.51 15.94
C TRP A 253 -10.35 13.84 16.68
N LYS A 254 -11.18 14.72 16.15
CA LYS A 254 -11.41 16.02 16.78
C LYS A 254 -11.99 15.88 18.17
N ASP A 255 -12.89 14.91 18.37
CA ASP A 255 -13.52 14.71 19.66
C ASP A 255 -12.53 14.13 20.67
N LEU A 256 -11.54 13.41 20.19
CA LEU A 256 -10.47 12.92 21.06
C LEU A 256 -9.55 14.05 21.49
N ASP A 257 -9.39 15.05 20.61
CA ASP A 257 -8.66 16.27 20.91
C ASP A 257 -7.21 16.05 21.35
N PHE A 258 -6.54 15.09 20.73
CA PHE A 258 -5.13 14.84 21.02
C PHE A 258 -4.25 16.01 20.56
N VAL A 259 -4.75 16.76 19.59
CA VAL A 259 -4.02 17.90 19.04
C VAL A 259 -3.70 18.94 20.10
N THR A 260 -4.52 19.00 21.15
CA THR A 260 -4.26 19.94 22.24
C THR A 260 -3.70 19.24 23.48
N THR A 261 -4.21 18.05 23.79
CA THR A 261 -3.83 17.38 25.03
C THR A 261 -2.59 16.51 24.87
N LEU A 262 -2.24 16.18 23.63
CA LEU A 262 -0.97 15.51 23.34
C LEU A 262 -0.22 16.25 22.23
N PRO A 263 0.18 17.50 22.50
CA PRO A 263 0.71 18.39 21.45
C PRO A 263 2.04 17.91 20.87
N TYR A 264 2.67 16.93 21.52
CA TYR A 264 3.94 16.43 21.03
C TYR A 264 3.80 15.54 19.80
N ALA A 265 2.60 15.02 19.56
CA ALA A 265 2.40 14.03 18.52
C ALA A 265 1.96 14.61 17.17
N ARG A 266 2.33 13.91 16.11
CA ARG A 266 1.89 14.22 14.76
C ARG A 266 0.37 14.19 14.66
N ASP A 267 -0.21 15.26 14.13
CA ASP A 267 -1.65 15.31 13.89
C ASP A 267 -1.94 14.95 12.43
N ARG A 268 -2.17 13.67 12.15
CA ARG A 268 -2.13 13.17 10.77
C ARG A 268 -3.30 12.28 10.38
N VAL A 269 -4.51 12.61 10.80
CA VAL A 269 -5.61 11.68 10.59
C VAL A 269 -5.94 11.58 9.09
N VAL A 270 -5.74 12.67 8.36
CA VAL A 270 -6.00 12.64 6.92
C VAL A 270 -5.00 11.72 6.21
N GLU A 271 -3.74 11.83 6.60
CA GLU A 271 -2.69 10.96 6.10
C GLU A 271 -2.96 9.52 6.49
N CYS A 272 -3.45 9.32 7.71
CA CYS A 272 -3.82 7.96 8.13
C CYS A 272 -4.96 7.44 7.28
N TYR A 273 -5.89 8.32 6.93
CA TYR A 273 -7.00 7.90 6.11
C TYR A 273 -6.49 7.49 4.73
N PHE A 274 -5.55 8.25 4.21
CA PHE A 274 -5.00 7.95 2.87
C PHE A 274 -4.39 6.54 2.86
N TRP A 275 -3.71 6.18 3.93
CA TRP A 275 -3.14 4.84 4.10
CA TRP A 275 -3.15 4.83 4.06
C TRP A 275 -4.25 3.78 4.00
N ALA A 276 -5.33 4.01 4.73
CA ALA A 276 -6.45 3.07 4.75
C ALA A 276 -7.06 2.96 3.35
N LEU A 277 -7.17 4.10 2.68
CA LEU A 277 -7.67 4.13 1.30
C LEU A 277 -6.77 3.38 0.35
N GLY A 278 -5.48 3.40 0.63
CA GLY A 278 -4.54 2.66 -0.19
C GLY A 278 -4.66 1.17 0.02
N VAL A 279 -5.03 0.76 1.23
CA VAL A 279 -5.16 -0.66 1.55
C VAL A 279 -6.38 -1.25 0.85
N TYR A 280 -7.44 -0.45 0.77
CA TYR A 280 -8.61 -0.82 -0.02
C TYR A 280 -9.51 0.39 -0.18
N PHE A 281 -10.02 0.55 -1.40
CA PHE A 281 -10.87 1.70 -1.74
C PHE A 281 -12.33 1.30 -2.01
N GLU A 282 -12.58 0.01 -2.22
CA GLU A 282 -13.93 -0.45 -2.59
C GLU A 282 -14.97 -0.16 -1.51
N PRO A 283 -16.22 0.11 -1.92
CA PRO A 283 -17.29 0.46 -0.97
C PRO A 283 -17.57 -0.62 0.07
N GLN A 284 -17.38 -1.90 -0.25
CA GLN A 284 -17.63 -2.94 0.73
C GLN A 284 -16.61 -2.92 1.88
N TYR A 285 -15.51 -2.17 1.74
CA TYR A 285 -14.51 -2.10 2.81
C TYR A 285 -14.62 -0.79 3.61
N SER A 286 -15.80 -0.18 3.58
CA SER A 286 -16.05 1.05 4.30
C SER A 286 -15.78 0.92 5.80
N GLN A 287 -16.41 -0.08 6.41
CA GLN A 287 -16.21 -0.32 7.83
C GLN A 287 -14.75 -0.63 8.12
N ALA A 288 -14.13 -1.42 7.24
CA ALA A 288 -12.77 -1.87 7.45
C ALA A 288 -11.83 -0.68 7.40
N ARG A 289 -12.03 0.22 6.45
CA ARG A 289 -11.21 1.44 6.34
C ARG A 289 -11.30 2.29 7.59
N VAL A 290 -12.53 2.52 8.06
CA VAL A 290 -12.69 3.40 9.20
C VAL A 290 -12.03 2.78 10.46
N MET A 291 -12.19 1.48 10.65
CA MET A 291 -11.48 0.80 11.74
C MET A 291 -9.97 0.97 11.61
N LEU A 292 -9.48 0.77 10.39
CA LEU A 292 -8.04 0.81 10.13
C LEU A 292 -7.46 2.18 10.42
N VAL A 293 -8.14 3.23 9.97
CA VAL A 293 -7.54 4.56 10.10
C VAL A 293 -7.43 4.93 11.58
N LYS A 294 -8.41 4.52 12.40
CA LYS A 294 -8.40 4.81 13.83
C LYS A 294 -7.21 4.13 14.50
N THR A 295 -6.92 2.92 14.07
CA THR A 295 -5.77 2.18 14.57
C THR A 295 -4.45 2.84 14.16
N ILE A 296 -4.33 3.19 12.88
CA ILE A 296 -3.14 3.85 12.39
C ILE A 296 -2.91 5.16 13.17
N SER A 297 -3.99 5.91 13.38
CA SER A 297 -3.93 7.13 14.17
C SER A 297 -3.45 6.88 15.59
N MET A 298 -3.95 5.83 16.21
CA MET A 298 -3.64 5.60 17.61
C MET A 298 -2.19 5.14 17.77
N ILE A 299 -1.73 4.25 16.90
CA ILE A 299 -0.36 3.73 17.07
C ILE A 299 0.63 4.85 16.74
N SER A 300 0.19 5.80 15.91
CA SER A 300 1.00 6.95 15.58
C SER A 300 1.30 7.78 16.84
N ILE A 301 0.28 7.96 17.68
CA ILE A 301 0.45 8.58 18.99
C ILE A 301 1.44 7.79 19.85
N VAL A 302 1.30 6.47 19.83
CA VAL A 302 2.19 5.62 20.62
C VAL A 302 3.62 5.79 20.13
N ASP A 303 3.79 5.67 18.81
CA ASP A 303 5.08 5.86 18.15
C ASP A 303 5.76 7.18 18.56
N ASP A 304 5.02 8.28 18.49
CA ASP A 304 5.56 9.58 18.89
C ASP A 304 5.92 9.63 20.37
N THR A 305 5.18 8.89 21.18
CA THR A 305 5.43 8.85 22.61
C THR A 305 6.78 8.24 22.91
N PHE A 306 7.12 7.14 22.23
CA PHE A 306 8.41 6.50 22.42
C PHE A 306 9.56 7.31 21.82
N ASP A 307 9.32 7.92 20.67
CA ASP A 307 10.39 8.54 19.92
C ASP A 307 10.78 9.92 20.43
N ALA A 308 9.79 10.72 20.81
CA ALA A 308 10.03 12.14 21.00
C ALA A 308 9.35 12.76 22.22
N TYR A 309 9.24 12.01 23.32
CA TYR A 309 8.61 12.58 24.51
C TYR A 309 8.83 11.79 25.80
N GLY A 310 8.50 10.50 25.78
CA GLY A 310 8.53 9.70 27.00
C GLY A 310 9.93 9.39 27.50
N THR A 311 10.09 9.40 28.83
CA THR A 311 11.36 9.02 29.45
C THR A 311 11.48 7.51 29.50
N VAL A 312 12.68 7.03 29.81
CA VAL A 312 12.92 5.59 29.88
C VAL A 312 11.94 4.91 30.81
N LYS A 313 11.83 5.47 32.01
CA LYS A 313 10.96 4.92 33.05
C LYS A 313 9.50 4.91 32.62
N GLU A 314 9.03 6.04 32.09
CA GLU A 314 7.66 6.14 31.63
C GLU A 314 7.33 5.12 30.54
N LEU A 315 8.26 4.95 29.61
CA LEU A 315 8.03 4.07 28.47
C LEU A 315 8.00 2.63 28.95
N GLU A 316 8.80 2.33 29.96
CA GLU A 316 8.77 1.00 30.58
C GLU A 316 7.38 0.72 31.16
N ALA A 317 6.84 1.71 31.85
CA ALA A 317 5.52 1.59 32.48
C ALA A 317 4.42 1.40 31.44
N TYR A 318 4.45 2.25 30.42
CA TYR A 318 3.50 2.20 29.32
C TYR A 318 3.53 0.84 28.63
N THR A 319 4.72 0.32 28.43
CA THR A 319 4.89 -0.95 27.74
C THR A 319 4.30 -2.08 28.57
N ASP A 320 4.57 -2.06 29.88
CA ASP A 320 4.03 -3.06 30.78
C ASP A 320 2.50 -2.95 30.86
N ALA A 321 1.99 -1.72 30.95
CA ALA A 321 0.54 -1.48 30.99
C ALA A 321 -0.13 -2.06 29.74
N ILE A 322 0.47 -1.83 28.59
CA ILE A 322 -0.09 -2.35 27.34
C ILE A 322 -0.14 -3.89 27.33
N GLN A 323 0.90 -4.53 27.87
CA GLN A 323 0.95 -5.99 27.93
C GLN A 323 -0.20 -6.51 28.79
N ARG A 324 -0.45 -5.84 29.90
CA ARG A 324 -1.46 -6.29 30.85
C ARG A 324 -2.88 -5.97 30.36
N TRP A 325 -2.97 -4.91 29.55
CA TRP A 325 -4.22 -4.52 28.89
C TRP A 325 -5.40 -4.49 29.85
N ASP A 326 -5.38 -3.53 30.76
CA ASP A 326 -6.32 -3.49 31.87
C ASP A 326 -6.40 -2.06 32.36
N ILE A 327 -7.60 -1.51 32.35
CA ILE A 327 -7.83 -0.13 32.77
C ILE A 327 -7.29 0.15 34.18
N ASN A 328 -7.22 -0.89 35.00
CA ASN A 328 -6.64 -0.79 36.34
C ASN A 328 -5.18 -0.30 36.33
N GLU A 329 -4.51 -0.46 35.19
CA GLU A 329 -3.11 -0.08 35.11
C GLU A 329 -2.90 1.42 34.88
N ILE A 330 -3.96 2.17 34.56
CA ILE A 330 -3.80 3.58 34.20
C ILE A 330 -3.12 4.39 35.30
N ASP A 331 -3.36 4.01 36.54
CA ASP A 331 -2.86 4.78 37.68
C ASP A 331 -1.34 4.65 37.83
N ARG A 332 -0.77 3.69 37.11
CA ARG A 332 0.67 3.49 37.11
C ARG A 332 1.36 4.39 36.09
N LEU A 333 0.57 5.06 35.27
CA LEU A 333 1.08 5.88 34.17
C LEU A 333 1.05 7.36 34.49
N PRO A 334 1.99 8.13 33.92
CA PRO A 334 1.92 9.59 34.01
C PRO A 334 0.63 10.08 33.37
N ASP A 335 0.14 11.25 33.78
CA ASP A 335 -1.16 11.72 33.35
C ASP A 335 -1.33 11.75 31.83
N TYR A 336 -0.30 12.21 31.11
CA TYR A 336 -0.41 12.33 29.66
C TYR A 336 -0.50 10.94 29.02
N MET A 337 0.11 9.95 29.67
CA MET A 337 0.03 8.58 29.17
C MET A 337 -1.30 7.90 29.47
N LYS A 338 -1.95 8.32 30.53
CA LYS A 338 -3.28 7.85 30.84
C LYS A 338 -4.23 8.14 29.68
N ILE A 339 -4.03 9.30 29.06
CA ILE A 339 -4.91 9.78 28.00
C ILE A 339 -4.94 8.79 26.84
N SER A 340 -3.78 8.47 26.28
CA SER A 340 -3.72 7.54 25.15
C SER A 340 -4.05 6.10 25.57
N TYR A 341 -3.63 5.70 26.76
CA TYR A 341 -3.88 4.34 27.21
C TYR A 341 -5.38 4.08 27.32
N LYS A 342 -6.11 5.00 27.93
CA LYS A 342 -7.55 4.85 28.04
C LYS A 342 -8.18 4.81 26.66
N ALA A 343 -7.71 5.70 25.80
CA ALA A 343 -8.26 5.81 24.44
C ALA A 343 -8.02 4.53 23.65
N ILE A 344 -6.85 3.94 23.82
CA ILE A 344 -6.53 2.69 23.14
C ILE A 344 -7.48 1.58 23.60
N LEU A 345 -7.63 1.42 24.91
CA LEU A 345 -8.50 0.37 25.43
C LEU A 345 -9.94 0.60 24.98
N ASP A 346 -10.38 1.86 24.99
CA ASP A 346 -11.73 2.21 24.56
C ASP A 346 -11.95 1.86 23.10
N LEU A 347 -10.96 2.17 22.27
CA LEU A 347 -11.06 1.94 20.84
C LEU A 347 -11.32 0.46 20.56
N TYR A 348 -10.60 -0.42 21.24
CA TYR A 348 -10.78 -1.84 21.01
C TYR A 348 -12.09 -2.38 21.59
N LYS A 349 -12.57 -1.81 22.69
CA LYS A 349 -13.92 -2.17 23.14
C LYS A 349 -14.93 -1.73 22.08
N ASP A 350 -14.68 -0.58 21.45
CA ASP A 350 -15.57 -0.11 20.40
C ASP A 350 -15.53 -1.01 19.16
N TYR A 351 -14.32 -1.42 18.75
CA TYR A 351 -14.19 -2.41 17.70
C TYR A 351 -15.02 -3.66 18.00
N GLU A 352 -14.86 -4.20 19.22
CA GLU A 352 -15.60 -5.40 19.63
C GLU A 352 -17.10 -5.17 19.53
N LYS A 353 -17.56 -4.04 20.07
CA LYS A 353 -18.98 -3.71 20.01
C LYS A 353 -19.44 -3.57 18.57
N GLU A 354 -18.57 -3.01 17.73
CA GLU A 354 -18.92 -2.73 16.36
C GLU A 354 -19.06 -3.99 15.52
N LEU A 355 -18.35 -5.04 15.90
CA LEU A 355 -18.36 -6.30 15.17
C LEU A 355 -19.38 -7.28 15.75
N SER A 356 -20.06 -6.85 16.81
CA SER A 356 -20.91 -7.73 17.59
C SER A 356 -22.06 -8.33 16.81
N SER A 357 -22.76 -7.52 16.03
CA SER A 357 -23.95 -7.98 15.31
C SER A 357 -23.59 -9.00 14.24
N ALA A 358 -22.33 -8.98 13.79
CA ALA A 358 -21.86 -9.90 12.77
C ALA A 358 -21.26 -11.14 13.41
N GLY A 359 -21.27 -11.18 14.75
CA GLY A 359 -20.63 -12.26 15.47
C GLY A 359 -19.15 -12.38 15.17
N ARG A 360 -18.45 -11.23 15.09
CA ARG A 360 -17.04 -11.27 14.76
C ARG A 360 -16.19 -10.54 15.80
N SER A 361 -16.78 -10.30 16.98
CA SER A 361 -16.05 -9.66 18.06
C SER A 361 -14.82 -10.46 18.45
N HIS A 362 -14.90 -11.78 18.31
CA HIS A 362 -13.84 -12.69 18.77
C HIS A 362 -12.50 -12.58 18.01
N ILE A 363 -12.47 -11.84 16.90
CA ILE A 363 -11.21 -11.70 16.16
C ILE A 363 -10.44 -10.46 16.54
N VAL A 364 -11.06 -9.60 17.35
CA VAL A 364 -10.42 -8.35 17.70
C VAL A 364 -9.12 -8.65 18.46
N CYS A 365 -9.11 -9.72 19.24
CA CYS A 365 -7.94 -10.06 20.05
C CYS A 365 -6.67 -10.23 19.21
N HIS A 366 -6.81 -10.63 17.95
CA HIS A 366 -5.64 -10.76 17.08
C HIS A 366 -4.95 -9.42 16.88
N ALA A 367 -5.72 -8.36 16.67
CA ALA A 367 -5.13 -7.04 16.50
C ALA A 367 -4.50 -6.58 17.81
N ILE A 368 -5.20 -6.80 18.93
CA ILE A 368 -4.66 -6.42 20.24
C ILE A 368 -3.29 -7.06 20.48
N GLU A 369 -3.16 -8.34 20.17
CA GLU A 369 -1.91 -9.02 20.42
C GLU A 369 -0.81 -8.45 19.52
N ARG A 370 -1.15 -8.14 18.27
CA ARG A 370 -0.18 -7.48 17.40
C ARG A 370 0.20 -6.10 17.93
N MET A 371 -0.74 -5.38 18.55
CA MET A 371 -0.40 -4.06 19.08
C MET A 371 0.60 -4.18 20.22
N LYS A 372 0.37 -5.15 21.08
CA LYS A 372 1.26 -5.42 22.20
C LYS A 372 2.69 -5.72 21.72
N GLU A 373 2.79 -6.44 20.62
CA GLU A 373 4.08 -6.74 19.99
C GLU A 373 4.76 -5.47 19.49
N VAL A 374 4.01 -4.58 18.85
CA VAL A 374 4.58 -3.33 18.37
C VAL A 374 5.14 -2.55 19.57
N VAL A 375 4.38 -2.50 20.65
CA VAL A 375 4.79 -1.69 21.80
C VAL A 375 5.98 -2.33 22.53
N ARG A 376 5.99 -3.66 22.65
CA ARG A 376 7.14 -4.36 23.24
C ARG A 376 8.40 -3.97 22.50
N ASN A 377 8.30 -3.99 21.17
CA ASN A 377 9.46 -3.81 20.35
C ASN A 377 9.86 -2.32 20.28
N TYR A 378 8.89 -1.42 20.39
CA TYR A 378 9.19 -0.01 20.58
C TYR A 378 10.07 0.16 21.80
N ASN A 379 9.73 -0.58 22.85
CA ASN A 379 10.45 -0.46 24.10
C ASN A 379 11.86 -1.02 23.98
N VAL A 380 11.99 -2.09 23.22
CA VAL A 380 13.28 -2.72 23.00
C VAL A 380 14.13 -1.74 22.20
N GLU A 381 13.53 -1.09 21.22
CA GLU A 381 14.25 -0.10 20.42
C GLU A 381 14.76 1.00 21.31
N SER A 382 13.94 1.43 22.26
CA SER A 382 14.34 2.46 23.21
C SER A 382 15.47 1.98 24.12
N THR A 383 15.39 0.74 24.56
CA THR A 383 16.41 0.16 25.42
C THR A 383 17.75 0.08 24.69
N TRP A 384 17.71 -0.41 23.46
CA TRP A 384 18.92 -0.49 22.66
C TRP A 384 19.57 0.89 22.50
N PHE A 385 18.73 1.89 22.31
CA PHE A 385 19.20 3.26 22.09
C PHE A 385 19.95 3.78 23.31
N ILE A 386 19.33 3.62 24.47
CA ILE A 386 19.93 4.11 25.72
C ILE A 386 21.20 3.33 26.08
N GLU A 387 21.23 2.05 25.75
CA GLU A 387 22.39 1.20 26.03
C GLU A 387 23.48 1.42 25.00
N GLY A 388 23.13 2.02 23.88
CA GLY A 388 24.09 2.14 22.79
C GLY A 388 24.37 0.80 22.16
N TYR A 389 23.36 -0.06 22.10
CA TYR A 389 23.53 -1.40 21.57
C TYR A 389 23.41 -1.44 20.05
N THR A 390 24.37 -2.05 19.38
CA THR A 390 24.28 -2.27 17.94
C THR A 390 24.20 -3.76 17.63
N PRO A 391 22.99 -4.29 17.48
CA PRO A 391 22.83 -5.73 17.26
C PRO A 391 23.28 -6.13 15.86
N PRO A 392 23.57 -7.42 15.66
CA PRO A 392 23.72 -7.97 14.31
C PRO A 392 22.41 -7.85 13.54
N VAL A 393 22.46 -7.94 12.22
CA VAL A 393 21.28 -7.65 11.41
C VAL A 393 20.12 -8.57 11.75
N SER A 394 20.40 -9.85 11.96
CA SER A 394 19.35 -10.81 12.25
C SER A 394 18.61 -10.42 13.53
N GLU A 395 19.36 -10.04 14.55
CA GLU A 395 18.72 -9.59 15.79
C GLU A 395 18.04 -8.24 15.59
N TYR A 396 18.69 -7.34 14.86
CA TYR A 396 18.07 -6.04 14.55
C TYR A 396 16.69 -6.25 13.94
N LEU A 397 16.61 -7.09 12.93
CA LEU A 397 15.35 -7.33 12.23
C LEU A 397 14.32 -8.06 13.10
N SER A 398 14.77 -8.95 13.99
CA SER A 398 13.82 -9.69 14.82
C SER A 398 13.02 -8.71 15.69
N ASN A 399 13.58 -7.54 15.96
CA ASN A 399 12.83 -6.50 16.64
C ASN A 399 12.22 -5.45 15.71
N ALA A 400 12.99 -5.02 14.72
CA ALA A 400 12.64 -3.85 13.93
C ALA A 400 11.54 -4.13 12.91
N LEU A 401 11.31 -5.39 12.58
CA LEU A 401 10.27 -5.70 11.60
C LEU A 401 8.90 -5.34 12.17
N ALA A 402 8.63 -5.73 13.42
CA ALA A 402 7.34 -5.39 14.02
C ALA A 402 7.20 -3.87 14.26
N THR A 403 8.31 -3.17 14.49
CA THR A 403 8.18 -1.73 14.75
C THR A 403 7.82 -0.92 13.51
N THR A 404 7.83 -1.55 12.34
CA THR A 404 7.21 -0.92 11.15
C THR A 404 5.70 -0.74 11.34
N THR A 405 5.16 -1.50 12.30
CA THR A 405 3.73 -1.70 12.57
C THR A 405 2.99 -2.49 11.50
N TYR A 406 3.72 -3.05 10.54
CA TYR A 406 3.05 -3.66 9.39
C TYR A 406 2.36 -5.02 9.70
N TYR A 407 2.88 -5.84 10.60
CA TYR A 407 2.09 -7.02 11.02
C TYR A 407 0.75 -6.57 11.62
N TYR A 408 0.83 -5.56 12.45
CA TYR A 408 -0.29 -4.99 13.17
C TYR A 408 -1.31 -4.38 12.21
N LEU A 409 -0.83 -3.67 11.19
CA LEU A 409 -1.74 -3.02 10.29
C LEU A 409 -2.42 -4.05 9.40
N ALA A 410 -1.67 -5.06 8.95
CA ALA A 410 -2.27 -6.11 8.13
C ALA A 410 -3.37 -6.82 8.93
N THR A 411 -3.07 -7.11 10.19
CA THR A 411 -4.02 -7.77 11.06
C THR A 411 -5.24 -6.89 11.25
N THR A 412 -4.98 -5.58 11.43
CA THR A 412 -6.05 -4.62 11.65
C THR A 412 -6.91 -4.50 10.40
N SER A 413 -6.29 -4.63 9.23
CA SER A 413 -7.03 -4.46 7.98
C SER A 413 -8.12 -5.53 7.79
N TYR A 414 -7.92 -6.69 8.41
CA TYR A 414 -8.93 -7.75 8.36
C TYR A 414 -10.12 -7.51 9.28
N LEU A 415 -9.99 -6.64 10.29
CA LEU A 415 -11.02 -6.57 11.34
C LEU A 415 -12.40 -6.27 10.78
N GLY A 416 -12.49 -5.35 9.85
CA GLY A 416 -13.76 -4.92 9.30
C GLY A 416 -14.10 -5.59 7.99
N MET A 417 -13.29 -6.55 7.58
CA MET A 417 -13.58 -7.32 6.37
C MET A 417 -14.54 -8.43 6.74
N LYS A 418 -15.74 -8.37 6.16
CA LYS A 418 -16.86 -9.17 6.63
C LYS A 418 -16.62 -10.66 6.48
N SER A 419 -15.79 -11.04 5.51
CA SER A 419 -15.61 -12.47 5.28
C SER A 419 -14.31 -12.99 5.92
N ALA A 420 -13.64 -12.16 6.71
CA ALA A 420 -12.40 -12.61 7.34
C ALA A 420 -12.74 -13.45 8.56
N THR A 421 -12.28 -14.70 8.55
CA THR A 421 -12.59 -15.65 9.59
C THR A 421 -11.39 -15.88 10.52
N GLU A 422 -11.64 -16.60 11.60
CA GLU A 422 -10.58 -16.97 12.54
C GLU A 422 -9.43 -17.66 11.82
N GLN A 423 -9.74 -18.47 10.81
CA GLN A 423 -8.72 -19.21 10.07
C GLN A 423 -7.82 -18.24 9.28
N ASP A 424 -8.39 -17.15 8.80
CA ASP A 424 -7.60 -16.15 8.08
C ASP A 424 -6.62 -15.47 9.02
N PHE A 425 -7.09 -15.17 10.23
CA PHE A 425 -6.24 -14.56 11.25
C PHE A 425 -5.17 -15.52 11.72
N GLU A 426 -5.50 -16.81 11.77
CA GLU A 426 -4.55 -17.79 12.21
C GLU A 426 -3.40 -17.92 11.21
N TRP A 427 -3.76 -17.94 9.94
CA TRP A 427 -2.75 -17.93 8.88
C TRP A 427 -1.84 -16.72 9.03
N LEU A 428 -2.44 -15.56 9.29
CA LEU A 428 -1.69 -14.34 9.35
C LEU A 428 -0.80 -14.32 10.59
N SER A 429 -1.27 -14.95 11.66
CA SER A 429 -0.57 -14.92 12.94
C SER A 429 0.80 -15.59 12.85
N LYS A 430 0.93 -16.51 11.90
CA LYS A 430 2.19 -17.27 11.75
C LYS A 430 3.22 -16.55 10.89
N ASN A 431 2.99 -15.26 10.62
CA ASN A 431 3.88 -14.45 9.77
C ASN A 431 4.18 -15.12 8.44
N PRO A 432 3.14 -15.29 7.61
CA PRO A 432 3.37 -15.93 6.30
C PRO A 432 4.33 -15.10 5.43
N LYS A 433 4.96 -15.77 4.47
CA LYS A 433 6.03 -15.18 3.67
C LYS A 433 5.60 -13.84 3.04
N ILE A 434 4.36 -13.77 2.54
CA ILE A 434 3.91 -12.59 1.83
C ILE A 434 3.81 -11.41 2.80
N LEU A 435 3.38 -11.68 4.02
CA LEU A 435 3.32 -10.62 5.04
C LEU A 435 4.74 -10.23 5.45
N GLU A 436 5.59 -11.24 5.67
CA GLU A 436 6.97 -10.99 6.04
C GLU A 436 7.66 -10.11 5.01
N ALA A 437 7.39 -10.34 3.74
CA ALA A 437 8.04 -9.59 2.66
C ALA A 437 7.59 -8.12 2.69
N SER A 438 6.31 -7.91 2.94
CA SER A 438 5.75 -6.56 2.98
C SER A 438 6.37 -5.76 4.14
N VAL A 439 6.56 -6.43 5.26
CA VAL A 439 7.17 -5.82 6.43
C VAL A 439 8.64 -5.46 6.16
N ILE A 440 9.36 -6.37 5.51
CA ILE A 440 10.75 -6.14 5.18
C ILE A 440 10.89 -4.94 4.24
N ILE A 441 10.01 -4.87 3.26
CA ILE A 441 10.03 -3.77 2.32
C ILE A 441 9.84 -2.47 3.08
N CYS A 442 8.85 -2.46 3.98
CA CYS A 442 8.63 -1.27 4.79
C CYS A 442 9.88 -0.93 5.62
N ARG A 443 10.49 -1.95 6.19
CA ARG A 443 11.64 -1.74 7.07
C ARG A 443 12.86 -1.19 6.33
N VAL A 444 13.17 -1.77 5.19
CA VAL A 444 14.41 -1.40 4.52
C VAL A 444 14.27 -0.05 3.84
N ILE A 445 13.06 0.28 3.36
CA ILE A 445 12.87 1.57 2.71
C ILE A 445 12.91 2.68 3.77
N ASP A 446 12.23 2.46 4.90
CA ASP A 446 12.30 3.40 6.00
C ASP A 446 13.74 3.60 6.49
N ASP A 447 14.48 2.51 6.67
CA ASP A 447 15.85 2.59 7.13
C ASP A 447 16.77 3.31 6.14
N THR A 448 16.56 3.02 4.86
CA THR A 448 17.30 3.69 3.80
C THR A 448 17.03 5.18 3.85
N ALA A 449 15.76 5.55 3.87
CA ALA A 449 15.34 6.94 3.87
C ALA A 449 15.90 7.72 5.05
N THR A 450 15.79 7.14 6.24
CA THR A 450 16.03 7.91 7.45
C THR A 450 17.45 7.78 8.02
N TYR A 451 18.32 7.07 7.32
CA TYR A 451 19.65 6.79 7.85
C TYR A 451 20.43 8.04 8.25
N GLU A 452 20.56 9.01 7.34
CA GLU A 452 21.33 10.23 7.65
C GLU A 452 20.66 11.09 8.73
N VAL A 453 19.35 11.23 8.66
CA VAL A 453 18.59 11.97 9.66
C VAL A 453 18.83 11.44 11.07
N GLU A 454 18.63 10.14 11.26
CA GLU A 454 18.75 9.53 12.58
C GLU A 454 20.20 9.27 12.98
N LYS A 455 21.12 9.30 12.02
CA LYS A 455 22.54 9.19 12.32
C LYS A 455 23.01 10.43 13.05
N SER A 456 22.48 11.59 12.64
CA SER A 456 22.79 12.85 13.29
C SER A 456 21.96 12.99 14.57
N ARG A 457 20.83 12.29 14.63
CA ARG A 457 20.01 12.24 15.83
C ARG A 457 20.67 11.40 16.94
N GLY A 458 21.72 10.67 16.58
CA GLY A 458 22.48 9.89 17.54
C GLY A 458 21.97 8.47 17.73
N GLN A 459 21.06 8.05 16.86
CA GLN A 459 20.50 6.71 16.97
C GLN A 459 21.47 5.68 16.39
N ILE A 460 22.24 5.06 17.28
CA ILE A 460 23.32 4.16 16.91
C ILE A 460 22.82 2.78 16.49
N ALA A 461 21.52 2.54 16.66
CA ALA A 461 20.95 1.25 16.34
C ALA A 461 20.08 1.30 15.09
N THR A 462 20.44 2.17 14.14
CA THR A 462 19.76 2.19 12.85
C THR A 462 20.08 0.91 12.09
N GLY A 463 19.28 0.62 11.08
CA GLY A 463 19.45 -0.62 10.35
C GLY A 463 20.74 -0.65 9.56
N ILE A 464 21.01 0.45 8.86
CA ILE A 464 22.19 0.56 8.02
C ILE A 464 23.43 0.41 8.87
N GLU A 465 23.41 1.04 10.04
CA GLU A 465 24.50 0.92 11.00
C GLU A 465 24.72 -0.54 11.42
N CYS A 466 23.64 -1.21 11.80
CA CYS A 466 23.70 -2.63 12.15
C CYS A 466 24.29 -3.43 10.99
N CYS A 467 23.91 -3.05 9.78
CA CYS A 467 24.36 -3.75 8.60
C CYS A 467 25.85 -3.57 8.37
N MET A 468 26.33 -2.33 8.40
CA MET A 468 27.74 -2.02 8.19
C MET A 468 28.64 -2.74 9.19
N ARG A 469 28.21 -2.74 10.45
CA ARG A 469 29.01 -3.31 11.53
C ARG A 469 28.95 -4.84 11.53
N ASP A 470 27.81 -5.38 11.16
CA ASP A 470 27.67 -6.84 11.11
C ASP A 470 28.53 -7.42 9.99
N TYR A 471 28.47 -6.82 8.81
CA TYR A 471 29.11 -7.40 7.63
C TYR A 471 30.47 -6.79 7.31
N GLY A 472 30.86 -5.76 8.06
CA GLY A 472 32.12 -5.09 7.82
C GLY A 472 32.15 -4.41 6.47
N ILE A 473 31.07 -3.72 6.15
CA ILE A 473 30.95 -3.07 4.85
C ILE A 473 30.67 -1.58 4.99
N SER A 474 30.68 -0.86 3.87
CA SER A 474 30.49 0.59 3.86
C SER A 474 29.00 0.94 3.89
N THR A 475 28.71 2.23 4.07
CA THR A 475 27.34 2.72 4.03
C THR A 475 26.70 2.33 2.70
N LYS A 476 27.44 2.55 1.62
CA LYS A 476 26.97 2.29 0.27
C LYS A 476 26.66 0.80 0.05
N GLU A 477 27.56 -0.06 0.53
CA GLU A 477 27.33 -1.50 0.46
C GLU A 477 26.13 -1.94 1.29
N ALA A 478 25.95 -1.31 2.45
CA ALA A 478 24.84 -1.64 3.34
C ALA A 478 23.52 -1.23 2.72
N MET A 479 23.51 -0.02 2.15
CA MET A 479 22.36 0.50 1.42
C MET A 479 21.98 -0.46 0.31
N ALA A 480 22.98 -0.92 -0.43
CA ALA A 480 22.73 -1.82 -1.54
C ALA A 480 22.18 -3.14 -1.04
N LYS A 481 22.69 -3.62 0.10
CA LYS A 481 22.23 -4.91 0.62
C LYS A 481 20.77 -4.80 1.08
N PHE A 482 20.42 -3.65 1.63
CA PHE A 482 19.05 -3.38 2.01
C PHE A 482 18.19 -3.29 0.76
N GLN A 483 18.72 -2.67 -0.28
CA GLN A 483 18.02 -2.59 -1.56
C GLN A 483 17.73 -4.00 -2.06
N ASN A 484 18.70 -4.92 -1.92
CA ASN A 484 18.51 -6.29 -2.38
C ASN A 484 17.46 -7.03 -1.56
N MET A 485 17.38 -6.71 -0.28
CA MET A 485 16.40 -7.33 0.57
C MET A 485 15.00 -6.93 0.12
N ALA A 486 14.82 -5.67 -0.27
CA ALA A 486 13.54 -5.21 -0.79
C ALA A 486 13.21 -5.87 -2.12
N GLU A 487 14.22 -6.06 -2.98
CA GLU A 487 13.96 -6.72 -4.26
C GLU A 487 13.59 -8.17 -4.06
N THR A 488 14.28 -8.85 -3.16
CA THR A 488 13.92 -10.20 -2.77
C THR A 488 12.51 -10.26 -2.19
N ALA A 489 12.17 -9.28 -1.37
CA ALA A 489 10.86 -9.26 -0.74
C ALA A 489 9.76 -9.00 -1.78
N TRP A 490 10.02 -8.16 -2.77
CA TRP A 490 8.99 -7.98 -3.78
C TRP A 490 8.77 -9.24 -4.59
N LYS A 491 9.84 -9.99 -4.88
CA LYS A 491 9.68 -11.28 -5.54
C LYS A 491 8.87 -12.26 -4.68
N ASP A 492 9.05 -12.19 -3.36
CA ASP A 492 8.30 -13.04 -2.45
C ASP A 492 6.83 -12.65 -2.45
N ILE A 493 6.56 -11.35 -2.52
CA ILE A 493 5.18 -10.89 -2.58
C ILE A 493 4.52 -11.43 -3.85
N ASN A 494 5.21 -11.27 -4.99
CA ASN A 494 4.68 -11.78 -6.25
C ASN A 494 4.43 -13.29 -6.22
N GLU A 495 5.37 -14.04 -5.67
CA GLU A 495 5.19 -15.47 -5.60
C GLU A 495 4.08 -15.78 -4.58
N GLY A 496 3.89 -14.89 -3.59
CA GLY A 496 2.87 -15.10 -2.59
C GLY A 496 1.46 -14.85 -3.09
N LEU A 497 1.34 -14.27 -4.27
CA LEU A 497 0.05 -14.07 -4.90
C LEU A 497 -0.33 -15.23 -5.81
N LEU A 498 0.61 -16.15 -6.02
CA LEU A 498 0.38 -17.22 -7.00
C LEU A 498 -0.52 -18.34 -6.46
N ARG A 499 -1.39 -18.85 -7.33
CA ARG A 499 -2.28 -19.92 -6.96
C ARG A 499 -1.47 -21.18 -6.76
N PRO A 500 -1.94 -22.07 -5.85
CA PRO A 500 -3.12 -21.84 -5.01
C PRO A 500 -2.81 -20.97 -3.80
N THR A 501 -3.66 -20.00 -3.52
CA THR A 501 -3.38 -19.11 -2.41
C THR A 501 -3.77 -19.74 -1.07
N PRO A 502 -3.01 -19.45 0.00
CA PRO A 502 -3.24 -20.05 1.32
C PRO A 502 -4.49 -19.48 2.00
N VAL A 503 -4.90 -18.31 1.55
CA VAL A 503 -6.15 -17.69 1.97
C VAL A 503 -6.76 -17.08 0.73
N SER A 504 -8.02 -16.68 0.80
CA SER A 504 -8.67 -16.03 -0.32
C SER A 504 -7.85 -14.79 -0.75
N THR A 505 -7.80 -14.51 -2.06
CA THR A 505 -6.99 -13.41 -2.59
C THR A 505 -7.33 -12.09 -1.90
N GLU A 506 -8.59 -11.97 -1.53
CA GLU A 506 -9.14 -10.82 -0.85
C GLU A 506 -8.27 -10.42 0.37
N PHE A 507 -7.62 -11.40 1.00
CA PHE A 507 -6.84 -11.15 2.21
C PHE A 507 -5.34 -11.02 1.93
N LEU A 508 -4.97 -11.18 0.66
CA LEU A 508 -3.61 -10.99 0.25
C LEU A 508 -3.43 -9.56 -0.23
N THR A 509 -4.43 -9.05 -0.95
CA THR A 509 -4.34 -7.71 -1.53
C THR A 509 -4.08 -6.62 -0.48
N PRO A 510 -4.66 -6.73 0.74
CA PRO A 510 -4.26 -5.68 1.70
C PRO A 510 -2.78 -5.67 2.04
N ILE A 511 -2.18 -6.85 2.03
CA ILE A 511 -0.76 -6.97 2.34
C ILE A 511 0.09 -6.40 1.21
N LEU A 512 -0.31 -6.72 0.00
CA LEU A 512 0.30 -6.19 -1.21
C LEU A 512 0.19 -4.66 -1.20
N ASN A 513 -0.98 -4.17 -0.82
CA ASN A 513 -1.24 -2.75 -0.84
C ASN A 513 -0.48 -2.01 0.26
N LEU A 514 -0.17 -2.68 1.37
CA LEU A 514 0.68 -2.07 2.38
C LEU A 514 2.10 -1.82 1.80
N ALA A 515 2.61 -2.78 1.03
CA ALA A 515 3.91 -2.65 0.40
C ALA A 515 3.89 -1.51 -0.59
N ARG A 516 2.80 -1.40 -1.35
CA ARG A 516 2.63 -0.34 -2.34
C ARG A 516 2.64 1.02 -1.66
N ILE A 517 1.99 1.12 -0.51
CA ILE A 517 1.95 2.39 0.21
C ILE A 517 3.34 2.84 0.65
N VAL A 518 4.18 1.91 1.12
CA VAL A 518 5.57 2.22 1.46
C VAL A 518 6.29 2.90 0.31
N GLU A 519 6.20 2.23 -0.84
CA GLU A 519 6.87 2.68 -2.05
C GLU A 519 6.44 4.09 -2.40
N VAL A 520 5.14 4.30 -2.37
CA VAL A 520 4.59 5.60 -2.72
C VAL A 520 4.93 6.68 -1.68
N THR A 521 4.90 6.31 -0.41
CA THR A 521 5.13 7.25 0.69
C THR A 521 6.58 7.67 0.80
N TYR A 522 7.48 6.78 0.39
CA TYR A 522 8.91 7.08 0.46
C TYR A 522 9.52 7.24 -0.92
N ILE A 523 8.69 7.52 -1.91
CA ILE A 523 9.19 7.89 -3.23
C ILE A 523 10.09 9.11 -3.02
N HIS A 524 11.18 9.16 -3.77
CA HIS A 524 12.16 10.26 -3.66
C HIS A 524 12.80 10.35 -2.26
N ASN A 525 12.70 9.26 -1.49
CA ASN A 525 13.48 9.07 -0.27
C ASN A 525 13.23 10.06 0.87
N LEU A 526 11.95 10.30 1.17
CA LEU A 526 11.56 11.15 2.31
C LEU A 526 10.31 10.56 2.97
N ASP A 527 10.23 10.61 4.30
CA ASP A 527 9.08 10.07 5.03
C ASP A 527 7.82 10.90 4.76
N GLY A 528 7.00 10.41 3.83
CA GLY A 528 5.84 11.14 3.38
C GLY A 528 4.76 11.39 4.40
N TYR A 529 4.63 10.49 5.37
CA TYR A 529 3.59 10.60 6.38
C TYR A 529 3.91 11.69 7.40
N THR A 530 5.19 11.79 7.80
CA THR A 530 5.63 12.84 8.72
C THR A 530 5.75 14.19 8.01
N HIS A 531 6.14 14.16 6.73
CA HIS A 531 6.23 15.37 5.93
C HIS A 531 5.43 15.23 4.63
N PRO A 532 4.09 15.37 4.72
CA PRO A 532 3.14 15.09 3.64
C PRO A 532 3.22 16.09 2.49
N GLU A 533 3.71 17.28 2.79
CA GLU A 533 3.69 18.42 1.87
C GLU A 533 4.07 18.06 0.43
N LYS A 534 5.29 17.57 0.25
CA LYS A 534 5.76 17.18 -1.07
C LYS A 534 5.16 15.86 -1.51
N VAL A 535 4.85 15.01 -0.52
CA VAL A 535 4.59 13.61 -0.78
C VAL A 535 3.12 13.25 -0.86
N LEU A 536 2.45 13.18 0.28
CA LEU A 536 1.07 12.72 0.35
C LEU A 536 0.02 13.78 -0.02
N LYS A 537 0.36 15.05 0.18
CA LYS A 537 -0.58 16.13 -0.06
C LYS A 537 -1.19 16.08 -1.47
N PRO A 538 -0.35 15.98 -2.53
CA PRO A 538 -0.95 15.89 -3.87
C PRO A 538 -1.91 14.71 -4.03
N HIS A 539 -1.55 13.55 -3.47
CA HIS A 539 -2.42 12.40 -3.56
C HIS A 539 -3.73 12.63 -2.82
N ILE A 540 -3.65 13.26 -1.66
CA ILE A 540 -4.82 13.52 -0.86
C ILE A 540 -5.76 14.49 -1.58
N ILE A 541 -5.18 15.49 -2.23
CA ILE A 541 -5.96 16.43 -3.03
C ILE A 541 -6.62 15.70 -4.20
N ASN A 542 -5.83 14.90 -4.90
CA ASN A 542 -6.33 14.15 -6.04
C ASN A 542 -7.40 13.10 -5.70
N LEU A 543 -7.30 12.50 -4.53
CA LEU A 543 -8.21 11.42 -4.18
C LEU A 543 -9.39 11.87 -3.34
N LEU A 544 -9.20 12.90 -2.50
CA LEU A 544 -10.20 13.26 -1.50
C LEU A 544 -10.69 14.71 -1.58
N VAL A 545 -10.09 15.53 -2.45
CA VAL A 545 -10.56 16.90 -2.58
C VAL A 545 -11.16 17.16 -3.95
N ASP A 546 -10.38 16.93 -5.01
CA ASP A 546 -10.85 17.24 -6.35
C ASP A 546 -11.56 16.05 -6.97
N SER A 547 -12.74 16.28 -7.52
CA SER A 547 -13.43 15.25 -8.26
C SER A 547 -12.87 15.24 -9.68
N ILE A 548 -12.98 14.12 -10.40
CA ILE A 548 -12.55 14.13 -11.79
C ILE A 548 -13.55 14.90 -12.63
N LYS A 549 -13.05 15.88 -13.36
CA LYS A 549 -13.91 16.70 -14.18
C LYS A 549 -14.44 15.86 -15.33
N ILE A 550 -15.76 15.90 -15.47
CA ILE A 550 -16.42 15.22 -16.56
C ILE A 550 -16.55 16.15 -17.76
#